data_8ZEC
#
_entry.id   8ZEC
#
_cell.length_a   44.265
_cell.length_b   92.917
_cell.length_c   44.265
_cell.angle_alpha   90.000
_cell.angle_beta   90.184
_cell.angle_gamma   90.000
#
_symmetry.space_group_name_H-M   'P 1 21 1'
#
loop_
_entity.id
_entity.type
_entity.pdbx_description
1 polymer 'Crystal structure of aldolase AtoB complex with substrate analogue'
2 non-polymer (1S,2R,3S,12R,13S,16R)-2,16-dihydroxy-3,6,7,13,17,17-hexamethyl-4,8,19-trioxatetracyclo[14.2.1.03,12.05,10]nonadeca-5(10),6-diene-9,18-dione
3 non-polymer 'SULFATE ION'
4 non-polymer 'CHLORIDE ION'
5 water water
#
_entity_poly.entity_id   1
_entity_poly.type   'polypeptide(L)'
_entity_poly.pdbx_seq_one_letter_code
;TDLMALPLRERLIQTADHYFRNMESFDLETGLTGRTADCILKVLPASFGMPDRTNEECMAAHIATRADMTMKNFKAWRVP
GSIPIVDEANRKVVFHMEIYAEMGDGVYHNEFIFIMTTNDEGTLLKEVAEYVDTAAEKKFAAERMARTKGS
;
_entity_poly.pdbx_strand_id   A,B
#
loop_
_chem_comp.id
_chem_comp.type
_chem_comp.name
_chem_comp.formula
A1D8G non-polymer (1S,2R,3S,12R,13S,16R)-2,16-dihydroxy-3,6,7,13,17,17-hexamethyl-4,8,19-trioxatetracyclo[14.2.1.03,12.05,10]nonadeca-5(10),6-diene-9,18-dione 'C22 H30 O7'
CL non-polymer 'CHLORIDE ION' 'Cl -1'
SO4 non-polymer 'SULFATE ION' 'O4 S -2'
#
# COMPACT_ATOMS: atom_id res chain seq x y z
N THR A 1 22.21 -1.55 -22.62
CA THR A 1 21.61 -0.22 -22.91
C THR A 1 22.12 0.77 -21.85
N ASP A 2 21.62 1.99 -21.89
CA ASP A 2 22.05 2.97 -20.92
C ASP A 2 21.48 2.57 -19.54
N LEU A 3 20.30 1.92 -19.53
CA LEU A 3 19.69 1.46 -18.27
C LEU A 3 20.66 0.47 -17.63
N MET A 4 21.30 -0.42 -18.41
CA MET A 4 22.04 -1.50 -17.77
C MET A 4 23.35 -1.00 -17.18
N ALA A 5 23.82 0.18 -17.59
CA ALA A 5 25.06 0.69 -17.04
C ALA A 5 24.77 1.35 -15.69
N LEU A 6 23.50 1.54 -15.33
CA LEU A 6 23.20 2.14 -14.03
C LEU A 6 23.21 1.07 -12.95
N PRO A 7 23.58 1.42 -11.71
CA PRO A 7 23.38 0.52 -10.57
C PRO A 7 21.92 0.09 -10.44
N LEU A 8 21.75 -1.15 -9.95
CA LEU A 8 20.44 -1.78 -9.99
C LEU A 8 19.43 -0.92 -9.21
N ARG A 9 19.78 -0.42 -8.02
CA ARG A 9 18.83 0.40 -7.29
C ARG A 9 18.25 1.52 -8.14
N GLU A 10 19.14 2.30 -8.74
CA GLU A 10 18.79 3.41 -9.58
C GLU A 10 17.95 2.97 -10.80
N ARG A 11 18.37 1.86 -11.43
CA ARG A 11 17.66 1.29 -12.55
C ARG A 11 16.19 0.96 -12.22
N LEU A 12 15.99 0.31 -11.07
CA LEU A 12 14.67 -0.06 -10.58
C LEU A 12 13.80 1.19 -10.37
N ILE A 13 14.33 2.21 -9.75
CA ILE A 13 13.59 3.44 -9.53
C ILE A 13 13.18 4.08 -10.86
N GLN A 14 14.10 4.11 -11.85
CA GLN A 14 13.83 4.77 -13.13
C GLN A 14 12.73 4.03 -13.88
N THR A 15 12.85 2.71 -13.88
CA THR A 15 11.86 1.85 -14.52
C THR A 15 10.48 1.96 -13.90
N ALA A 16 10.41 1.97 -12.57
CA ALA A 16 9.18 2.08 -11.85
C ALA A 16 8.54 3.47 -12.03
N ASP A 17 9.34 4.56 -11.96
CA ASP A 17 8.88 5.92 -12.12
C ASP A 17 8.38 6.20 -13.52
N HIS A 18 8.92 5.44 -14.50
CA HIS A 18 8.51 5.63 -15.87
C HIS A 18 6.99 5.46 -15.99
N TYR A 19 6.39 4.59 -15.15
CA TYR A 19 4.95 4.34 -15.20
C TYR A 19 4.21 5.70 -15.07
N PHE A 20 4.65 6.52 -14.11
CA PHE A 20 4.05 7.82 -13.87
C PHE A 20 4.34 8.83 -14.97
N ARG A 21 5.59 8.87 -15.46
CA ARG A 21 5.95 9.78 -16.52
C ARG A 21 5.11 9.45 -17.76
N ASN A 22 4.96 8.15 -18.05
CA ASN A 22 4.12 7.69 -19.15
C ASN A 22 2.68 8.21 -19.03
N MET A 23 2.08 8.09 -17.83
CA MET A 23 0.71 8.58 -17.58
C MET A 23 0.62 10.07 -17.86
N GLU A 24 1.62 10.83 -17.42
CA GLU A 24 1.61 12.27 -17.61
C GLU A 24 1.68 12.70 -19.07
N SER A 25 2.45 11.99 -19.91
CA SER A 25 2.65 12.38 -21.29
C SER A 25 1.91 11.42 -22.25
N PHE A 26 0.90 10.72 -21.75
CA PHE A 26 0.15 9.72 -22.48
C PHE A 26 -0.42 10.27 -23.79
N ASP A 27 -0.21 9.54 -24.89
CA ASP A 27 -0.97 9.74 -26.13
C ASP A 27 -1.31 8.41 -26.79
N LEU A 28 -2.32 8.42 -27.70
CA LEU A 28 -2.71 7.22 -28.44
C LEU A 28 -1.53 6.68 -29.27
N GLU A 29 -0.69 7.61 -29.73
CA GLU A 29 0.34 7.31 -30.71
C GLU A 29 1.29 6.27 -30.12
N THR A 30 1.77 6.58 -28.91
CA THR A 30 2.82 5.83 -28.25
C THR A 30 2.20 4.82 -27.29
N GLY A 31 1.09 5.15 -26.67
CA GLY A 31 0.46 4.23 -25.72
C GLY A 31 1.24 4.05 -24.41
N LEU A 32 1.10 2.84 -23.81
CA LEU A 32 1.75 2.49 -22.54
C LEU A 32 3.12 1.90 -22.87
N THR A 33 4.18 2.47 -22.28
CA THR A 33 5.54 2.08 -22.58
C THR A 33 6.27 1.59 -21.32
N GLY A 34 7.42 0.95 -21.55
CA GLY A 34 8.25 0.40 -20.47
C GLY A 34 7.59 -0.73 -19.69
N ARG A 35 6.72 -1.50 -20.33
CA ARG A 35 6.11 -2.69 -19.73
C ARG A 35 6.49 -3.88 -20.59
N THR A 36 6.68 -5.06 -19.98
CA THR A 36 6.83 -6.30 -20.72
C THR A 36 5.50 -6.63 -21.42
N ALA A 37 5.53 -7.48 -22.45
CA ALA A 37 4.33 -7.84 -23.22
C ALA A 37 3.26 -8.43 -22.30
N ASP A 38 3.69 -9.18 -21.29
CA ASP A 38 2.80 -9.93 -20.43
C ASP A 38 2.53 -9.18 -19.12
N CYS A 39 2.84 -7.89 -19.04
CA CYS A 39 2.71 -7.17 -17.79
C CYS A 39 1.25 -7.24 -17.33
N ILE A 40 1.03 -7.23 -16.03
CA ILE A 40 -0.29 -7.26 -15.42
C ILE A 40 -0.40 -6.10 -14.42
N LEU A 41 -1.53 -5.37 -14.56
CA LEU A 41 -1.99 -4.40 -13.58
C LEU A 41 -2.98 -5.07 -12.63
N LYS A 42 -2.66 -5.01 -11.33
CA LYS A 42 -3.50 -5.55 -10.29
C LYS A 42 -4.00 -4.39 -9.44
N VAL A 43 -5.33 -4.41 -9.21
CA VAL A 43 -5.96 -3.36 -8.46
C VAL A 43 -6.38 -3.96 -7.12
N LEU A 44 -5.85 -3.36 -6.06
CA LEU A 44 -6.02 -3.75 -4.68
C LEU A 44 -6.91 -2.73 -3.99
N PRO A 45 -7.73 -3.07 -2.99
CA PRO A 45 -7.93 -4.44 -2.52
C PRO A 45 -8.91 -5.21 -3.42
N ALA A 46 -8.97 -6.53 -3.17
CA ALA A 46 -9.85 -7.48 -3.84
C ALA A 46 -11.30 -7.03 -3.75
N SER A 47 -11.70 -6.50 -2.58
CA SER A 47 -13.08 -6.04 -2.35
C SER A 47 -13.55 -5.02 -3.40
N PHE A 48 -12.61 -4.31 -4.05
CA PHE A 48 -12.96 -3.26 -5.01
C PHE A 48 -13.52 -3.89 -6.29
N GLY A 49 -13.21 -5.18 -6.53
CA GLY A 49 -13.78 -5.98 -7.61
C GLY A 49 -13.30 -5.65 -9.04
N MET A 50 -12.09 -5.15 -9.17
CA MET A 50 -11.46 -4.85 -10.43
C MET A 50 -10.54 -6.01 -10.76
N PRO A 51 -10.82 -6.73 -11.87
CA PRO A 51 -9.95 -7.84 -12.27
C PRO A 51 -8.60 -7.34 -12.75
N ASP A 52 -7.60 -8.23 -12.68
CA ASP A 52 -6.30 -7.96 -13.26
C ASP A 52 -6.46 -7.69 -14.76
N ARG A 53 -5.56 -6.84 -15.29
CA ARG A 53 -5.62 -6.40 -16.67
C ARG A 53 -4.23 -6.41 -17.34
N THR A 54 -4.25 -6.87 -18.58
CA THR A 54 -3.18 -6.80 -19.55
C THR A 54 -2.96 -5.35 -19.96
N ASN A 55 -1.83 -5.08 -20.62
CA ASN A 55 -1.51 -3.77 -21.18
C ASN A 55 -2.65 -3.27 -22.05
N GLU A 56 -3.20 -4.14 -22.93
CA GLU A 56 -4.26 -3.79 -23.87
C GLU A 56 -5.54 -3.42 -23.11
N GLU A 57 -5.84 -4.13 -22.01
CA GLU A 57 -7.04 -3.85 -21.25
C GLU A 57 -6.89 -2.51 -20.55
N CYS A 58 -5.68 -2.27 -20.00
CA CYS A 58 -5.35 -0.99 -19.39
C CYS A 58 -5.51 0.16 -20.38
N MET A 59 -4.92 0.01 -21.59
CA MET A 59 -4.96 1.05 -22.59
C MET A 59 -6.41 1.37 -22.94
N ALA A 60 -7.24 0.34 -23.10
CA ALA A 60 -8.65 0.55 -23.47
C ALA A 60 -9.39 1.33 -22.39
N ALA A 61 -9.23 0.91 -21.12
CA ALA A 61 -9.78 1.62 -19.98
C ALA A 61 -9.37 3.09 -19.95
N HIS A 62 -8.08 3.38 -20.19
CA HIS A 62 -7.60 4.74 -19.98
C HIS A 62 -8.09 5.65 -21.09
N ILE A 63 -8.09 5.13 -22.31
CA ILE A 63 -8.64 5.93 -23.41
C ILE A 63 -10.09 6.32 -23.11
N ALA A 64 -10.90 5.33 -22.69
CA ALA A 64 -12.31 5.58 -22.43
C ALA A 64 -12.52 6.52 -21.25
N THR A 65 -11.78 6.33 -20.16
CA THR A 65 -11.95 7.18 -18.97
C THR A 65 -11.63 8.64 -19.31
N ARG A 66 -10.56 8.85 -20.08
CA ARG A 66 -10.11 10.16 -20.47
C ARG A 66 -11.13 10.83 -21.36
N ALA A 67 -11.73 10.07 -22.29
CA ALA A 67 -12.76 10.63 -23.15
C ALA A 67 -14.03 10.95 -22.34
N ASP A 68 -14.48 9.94 -21.56
CA ASP A 68 -15.77 10.03 -20.89
C ASP A 68 -15.78 11.18 -19.90
N MET A 69 -14.67 11.35 -19.19
CA MET A 69 -14.65 12.31 -18.10
C MET A 69 -13.85 13.55 -18.48
N THR A 70 -13.49 13.67 -19.78
CA THR A 70 -12.70 14.77 -20.33
C THR A 70 -11.51 15.03 -19.40
N MET A 71 -10.67 14.03 -19.19
CA MET A 71 -9.56 14.19 -18.25
C MET A 71 -8.28 14.51 -19.00
N LYS A 72 -7.48 15.41 -18.40
CA LYS A 72 -6.17 15.76 -18.93
C LYS A 72 -5.31 16.42 -17.85
N ASN A 73 -4.07 16.74 -18.26
CA ASN A 73 -3.01 17.30 -17.43
C ASN A 73 -2.82 16.48 -16.15
N PHE A 74 -2.57 15.19 -16.37
CA PHE A 74 -2.24 14.25 -15.32
C PHE A 74 -0.87 14.60 -14.76
N LYS A 75 -0.83 14.52 -13.42
CA LYS A 75 0.43 14.71 -12.72
C LYS A 75 0.44 13.75 -11.54
N ALA A 76 1.61 13.15 -11.30
CA ALA A 76 1.81 12.20 -10.22
C ALA A 76 2.98 12.67 -9.40
N TRP A 77 2.87 12.56 -8.08
CA TRP A 77 3.96 12.95 -7.23
C TRP A 77 3.89 12.08 -5.99
N ARG A 78 5.05 11.90 -5.37
CA ARG A 78 5.12 11.15 -4.15
C ARG A 78 4.51 11.99 -3.04
N VAL A 79 3.79 11.33 -2.14
CA VAL A 79 3.28 11.94 -0.94
C VAL A 79 4.46 12.60 -0.23
N PRO A 80 4.33 13.91 0.15
CA PRO A 80 5.40 14.60 0.84
C PRO A 80 5.86 13.78 2.04
N GLY A 81 7.17 13.61 2.15
CA GLY A 81 7.74 12.87 3.26
C GLY A 81 8.04 11.43 2.87
N SER A 82 7.33 10.93 1.86
CA SER A 82 7.49 9.53 1.50
C SER A 82 8.77 9.34 0.68
N ILE A 83 9.15 8.09 0.58
CA ILE A 83 10.34 7.76 -0.17
C ILE A 83 10.08 6.54 -1.07
N PRO A 84 10.88 6.35 -2.12
CA PRO A 84 10.84 5.09 -2.83
C PRO A 84 11.40 3.96 -1.97
N ILE A 85 10.63 2.87 -1.86
CA ILE A 85 11.10 1.67 -1.17
C ILE A 85 11.54 0.63 -2.20
N VAL A 86 12.83 0.30 -2.16
CA VAL A 86 13.44 -0.52 -3.21
C VAL A 86 14.01 -1.81 -2.62
N ASP A 87 13.51 -2.95 -3.14
CA ASP A 87 14.01 -4.29 -2.82
C ASP A 87 14.72 -4.86 -4.03
N GLU A 88 16.03 -4.69 -4.09
CA GLU A 88 16.80 -5.02 -5.27
C GLU A 88 16.58 -6.51 -5.56
N ALA A 89 16.76 -7.34 -4.52
CA ALA A 89 16.75 -8.80 -4.64
C ALA A 89 15.46 -9.28 -5.33
N ASN A 90 14.34 -8.64 -4.95
CA ASN A 90 13.02 -9.00 -5.44
C ASN A 90 12.57 -8.15 -6.63
N ARG A 91 13.41 -7.25 -7.11
CA ARG A 91 13.09 -6.39 -8.25
C ARG A 91 11.80 -5.62 -8.03
N LYS A 92 11.63 -5.11 -6.80
CA LYS A 92 10.41 -4.35 -6.47
C LYS A 92 10.71 -2.96 -5.98
N VAL A 93 9.76 -2.07 -6.32
CA VAL A 93 9.76 -0.70 -5.87
C VAL A 93 8.35 -0.33 -5.40
N VAL A 94 8.28 0.28 -4.20
CA VAL A 94 7.02 0.67 -3.56
C VAL A 94 7.02 2.19 -3.44
N PHE A 95 5.95 2.79 -3.96
CA PHE A 95 5.76 4.22 -3.86
C PHE A 95 4.43 4.50 -3.14
N HIS A 96 4.40 5.65 -2.45
CA HIS A 96 3.21 6.19 -1.82
C HIS A 96 2.91 7.47 -2.60
N MET A 97 1.86 7.41 -3.42
CA MET A 97 1.67 8.36 -4.53
C MET A 97 0.36 9.16 -4.42
N GLU A 98 0.35 10.35 -5.00
CA GLU A 98 -0.83 11.10 -5.35
C GLU A 98 -0.87 11.20 -6.87
N ILE A 99 -2.09 11.04 -7.38
CA ILE A 99 -2.35 11.26 -8.79
C ILE A 99 -3.46 12.31 -8.91
N TYR A 100 -3.18 13.31 -9.75
CA TYR A 100 -4.04 14.47 -9.96
C TYR A 100 -4.35 14.55 -11.46
N ALA A 101 -5.56 14.95 -11.82
CA ALA A 101 -5.89 15.30 -13.19
C ALA A 101 -7.05 16.28 -13.15
N GLU A 102 -7.06 17.17 -14.14
CA GLU A 102 -8.19 18.06 -14.42
C GLU A 102 -9.19 17.26 -15.25
N MET A 103 -10.44 17.43 -14.89
CA MET A 103 -11.50 16.84 -15.66
C MET A 103 -12.72 17.77 -15.73
N GLY A 104 -13.65 17.42 -16.60
CA GLY A 104 -14.80 18.30 -16.84
C GLY A 104 -15.52 18.65 -15.54
N ASP A 105 -15.71 17.62 -14.69
CA ASP A 105 -16.42 17.73 -13.42
C ASP A 105 -15.61 18.32 -12.27
N GLY A 106 -14.36 18.72 -12.51
CA GLY A 106 -13.53 19.34 -11.49
C GLY A 106 -12.12 18.75 -11.49
N VAL A 107 -11.77 18.11 -10.38
CA VAL A 107 -10.43 17.54 -10.28
C VAL A 107 -10.52 16.12 -9.75
N TYR A 108 -9.63 15.27 -10.30
CA TYR A 108 -9.41 13.95 -9.75
C TYR A 108 -8.12 14.06 -8.93
N HIS A 109 -8.16 13.66 -7.65
CA HIS A 109 -6.94 13.70 -6.84
C HIS A 109 -7.07 12.71 -5.69
N ASN A 110 -6.40 11.57 -5.83
CA ASN A 110 -6.47 10.44 -4.94
C ASN A 110 -5.03 10.04 -4.57
N GLU A 111 -4.98 9.23 -3.52
CA GLU A 111 -3.77 8.74 -2.88
C GLU A 111 -3.72 7.21 -2.99
N PHE A 112 -2.50 6.64 -3.14
CA PHE A 112 -2.32 5.28 -3.60
C PHE A 112 -1.05 4.72 -2.97
N ILE A 113 -1.01 3.39 -2.82
CA ILE A 113 0.28 2.69 -2.82
C ILE A 113 0.46 2.02 -4.18
N PHE A 114 1.64 2.16 -4.77
CA PHE A 114 1.97 1.34 -5.94
C PHE A 114 3.15 0.41 -5.61
N ILE A 115 3.04 -0.83 -6.03
CA ILE A 115 4.11 -1.83 -5.93
C ILE A 115 4.42 -2.27 -7.35
N MET A 116 5.63 -1.91 -7.80
CA MET A 116 6.11 -2.21 -9.13
C MET A 116 7.07 -3.40 -9.04
N THR A 117 6.96 -4.31 -10.02
CA THR A 117 7.91 -5.40 -10.18
C THR A 117 8.52 -5.32 -11.58
N THR A 118 9.85 -5.40 -11.68
CA THR A 118 10.50 -5.38 -12.96
C THR A 118 10.88 -6.81 -13.38
N ASN A 119 11.25 -6.91 -14.64
CA ASN A 119 11.97 -8.05 -15.15
C ASN A 119 13.29 -8.20 -14.40
N ASP A 120 14.00 -9.30 -14.66
CA ASP A 120 15.24 -9.59 -13.97
C ASP A 120 16.29 -8.50 -14.23
N GLU A 121 16.28 -7.91 -15.43
CA GLU A 121 17.27 -6.92 -15.82
C GLU A 121 16.96 -5.53 -15.26
N GLY A 122 15.75 -5.31 -14.73
CA GLY A 122 15.40 -4.04 -14.11
C GLY A 122 15.02 -2.93 -15.09
N THR A 123 14.64 -3.32 -16.31
CA THR A 123 14.50 -2.39 -17.43
C THR A 123 13.05 -2.28 -17.87
N LEU A 124 12.19 -3.26 -17.52
CA LEU A 124 10.78 -3.10 -17.86
C LEU A 124 9.93 -3.56 -16.69
N LEU A 125 8.70 -3.07 -16.61
CA LEU A 125 7.71 -3.52 -15.65
C LEU A 125 6.99 -4.77 -16.11
N LYS A 126 6.93 -5.79 -15.24
CA LYS A 126 6.15 -6.98 -15.51
C LYS A 126 4.88 -7.03 -14.64
N GLU A 127 4.84 -6.26 -13.56
CA GLU A 127 3.65 -6.18 -12.74
C GLU A 127 3.59 -4.80 -12.10
N VAL A 128 2.36 -4.28 -11.99
CA VAL A 128 2.05 -3.09 -11.22
C VAL A 128 0.81 -3.40 -10.43
N ALA A 129 0.94 -3.22 -9.11
CA ALA A 129 -0.16 -3.44 -8.22
C ALA A 129 -0.41 -2.09 -7.56
N GLU A 130 -1.66 -1.64 -7.59
CA GLU A 130 -1.99 -0.34 -6.99
C GLU A 130 -3.11 -0.54 -5.99
N TYR A 131 -2.86 -0.10 -4.75
CA TYR A 131 -3.89 -0.13 -3.73
C TYR A 131 -4.53 1.26 -3.71
N VAL A 132 -5.83 1.27 -3.96
CA VAL A 132 -6.57 2.50 -4.18
C VAL A 132 -7.43 2.84 -2.95
N ASP A 133 -7.99 4.06 -2.96
CA ASP A 133 -8.91 4.56 -1.95
C ASP A 133 -10.32 4.13 -2.33
N THR A 134 -10.85 3.07 -1.70
CA THR A 134 -12.01 2.37 -2.28
C THR A 134 -13.25 3.28 -2.24
N ALA A 135 -13.37 4.07 -1.16
CA ALA A 135 -14.51 4.97 -1.03
C ALA A 135 -14.46 6.05 -2.12
N ALA A 136 -13.26 6.65 -2.35
CA ALA A 136 -13.02 7.65 -3.39
C ALA A 136 -13.21 7.11 -4.82
N GLU A 137 -12.75 5.91 -5.05
CA GLU A 137 -12.82 5.35 -6.38
C GLU A 137 -14.24 4.90 -6.68
N LYS A 138 -14.99 4.43 -5.67
CA LYS A 138 -16.39 4.07 -5.91
C LYS A 138 -17.20 5.30 -6.24
N LYS A 139 -16.78 6.46 -5.71
CA LYS A 139 -17.48 7.71 -5.97
C LYS A 139 -17.18 8.20 -7.38
N PHE A 140 -15.93 8.00 -7.80
CA PHE A 140 -15.55 8.42 -9.14
C PHE A 140 -16.32 7.55 -10.13
N ALA A 141 -16.39 6.22 -9.89
CA ALA A 141 -17.10 5.34 -10.79
C ALA A 141 -18.58 5.74 -10.93
N ALA A 142 -19.20 6.18 -9.82
CA ALA A 142 -20.60 6.57 -9.84
C ALA A 142 -20.82 7.92 -10.57
N GLU A 143 -19.84 8.83 -10.49
CA GLU A 143 -19.88 10.09 -11.19
C GLU A 143 -19.76 9.83 -12.68
N ARG A 144 -18.88 8.90 -13.02
CA ARG A 144 -18.66 8.58 -14.41
C ARG A 144 -19.94 7.98 -14.99
N MET A 145 -20.58 7.01 -14.31
CA MET A 145 -21.75 6.36 -14.91
C MET A 145 -22.87 7.40 -15.01
N ALA A 146 -23.53 7.39 -16.18
CA ALA A 146 -24.51 8.41 -16.55
C ALA A 146 -23.95 9.82 -16.40
N ARG A 147 -22.62 9.98 -16.36
CA ARG A 147 -22.07 11.33 -16.25
C ARG A 147 -20.64 11.36 -16.80
N THR B 1 22.46 -8.52 21.09
CA THR B 1 21.22 -9.34 21.01
C THR B 1 21.47 -10.53 20.06
N ASP B 2 20.54 -11.47 20.09
CA ASP B 2 20.41 -12.47 19.04
C ASP B 2 20.00 -11.80 17.73
N LEU B 3 19.15 -10.77 17.81
CA LEU B 3 18.68 -10.08 16.61
C LEU B 3 19.88 -9.50 15.87
N MET B 4 20.85 -8.95 16.61
CA MET B 4 21.94 -8.24 15.97
C MET B 4 22.87 -9.23 15.25
N ALA B 5 22.86 -10.53 15.63
CA ALA B 5 23.70 -11.51 14.92
C ALA B 5 23.07 -11.94 13.59
N LEU B 6 21.76 -11.71 13.42
CA LEU B 6 21.07 -12.07 12.18
C LEU B 6 21.41 -11.11 11.07
N PRO B 7 21.54 -11.59 9.81
CA PRO B 7 21.72 -10.68 8.68
C PRO B 7 20.58 -9.65 8.68
N LEU B 8 20.88 -8.44 8.21
CA LEU B 8 19.95 -7.33 8.34
C LEU B 8 18.60 -7.62 7.67
N ARG B 9 18.57 -8.29 6.49
CA ARG B 9 17.31 -8.57 5.84
C ARG B 9 16.39 -9.34 6.79
N GLU B 10 16.89 -10.42 7.33
CA GLU B 10 16.15 -11.31 8.20
C GLU B 10 15.70 -10.58 9.47
N ARG B 11 16.60 -9.77 10.04
CA ARG B 11 16.32 -8.97 11.21
C ARG B 11 15.09 -8.08 10.94
N LEU B 12 15.08 -7.42 9.78
CA LEU B 12 14.04 -6.45 9.43
C LEU B 12 12.69 -7.18 9.28
N ILE B 13 12.70 -8.34 8.66
CA ILE B 13 11.46 -9.08 8.46
C ILE B 13 10.95 -9.53 9.81
N GLN B 14 11.84 -10.02 10.70
CA GLN B 14 11.41 -10.47 12.02
C GLN B 14 10.84 -9.30 12.86
N THR B 15 11.48 -8.16 12.82
CA THR B 15 11.04 -7.02 13.59
C THR B 15 9.72 -6.49 13.03
N ALA B 16 9.51 -6.57 11.71
CA ALA B 16 8.30 -6.07 11.11
C ALA B 16 7.14 -7.07 11.37
N ASP B 17 7.41 -8.38 11.28
CA ASP B 17 6.40 -9.40 11.48
C ASP B 17 5.94 -9.44 12.92
N HIS B 18 6.82 -9.08 13.85
CA HIS B 18 6.47 -9.06 15.25
C HIS B 18 5.18 -8.25 15.48
N TYR B 19 4.98 -7.10 14.80
CA TYR B 19 3.76 -6.32 14.88
C TYR B 19 2.49 -7.18 14.80
N PHE B 20 2.44 -8.11 13.84
CA PHE B 20 1.27 -8.98 13.67
C PHE B 20 1.22 -10.06 14.75
N ARG B 21 2.39 -10.63 15.16
CA ARG B 21 2.41 -11.62 16.22
C ARG B 21 1.91 -11.00 17.53
N ASN B 22 2.29 -9.74 17.78
CA ASN B 22 1.86 -9.01 18.99
C ASN B 22 0.34 -8.77 18.98
N MET B 23 -0.21 -8.45 17.81
CA MET B 23 -1.63 -8.31 17.60
C MET B 23 -2.39 -9.61 17.93
N GLU B 24 -1.81 -10.79 17.56
CA GLU B 24 -2.47 -12.07 17.76
C GLU B 24 -2.45 -12.46 19.23
N SER B 25 -1.39 -12.09 19.97
CA SER B 25 -1.25 -12.53 21.35
C SER B 25 -1.54 -11.38 22.30
N PHE B 26 -2.14 -10.31 21.79
CA PHE B 26 -2.35 -9.10 22.57
C PHE B 26 -3.00 -9.36 23.94
N ASP B 27 -2.45 -8.70 24.96
CA ASP B 27 -3.05 -8.71 26.28
C ASP B 27 -2.61 -7.47 27.07
N LEU B 28 -3.34 -7.24 28.15
CA LEU B 28 -3.22 -6.01 28.92
C LEU B 28 -1.88 -5.98 29.64
N GLU B 29 -1.41 -7.15 30.06
CA GLU B 29 -0.21 -7.24 30.89
C GLU B 29 1.04 -6.93 30.07
N THR B 30 1.07 -7.31 28.78
CA THR B 30 2.25 -7.20 27.93
C THR B 30 2.13 -5.98 27.01
N GLY B 31 0.91 -5.63 26.63
CA GLY B 31 0.73 -4.49 25.74
C GLY B 31 1.32 -4.67 24.33
N LEU B 32 1.68 -3.53 23.74
CA LEU B 32 2.34 -3.41 22.44
C LEU B 32 3.84 -3.38 22.66
N THR B 33 4.51 -4.38 22.07
CA THR B 33 5.93 -4.60 22.20
C THR B 33 6.58 -4.45 20.84
N GLY B 34 7.90 -4.33 20.87
CA GLY B 34 8.72 -4.28 19.69
C GLY B 34 8.73 -2.94 18.98
N ARG B 35 8.40 -1.89 19.72
CA ARG B 35 8.32 -0.55 19.18
C ARG B 35 9.25 0.37 19.97
N THR B 36 9.74 1.40 19.27
CA THR B 36 10.47 2.46 19.93
C THR B 36 9.46 3.25 20.77
N ALA B 37 9.99 3.91 21.78
CA ALA B 37 9.18 4.76 22.63
C ALA B 37 8.39 5.79 21.82
N ASP B 38 9.02 6.34 20.77
CA ASP B 38 8.47 7.42 19.95
C ASP B 38 7.81 6.91 18.65
N CYS B 39 7.56 5.59 18.56
CA CYS B 39 6.97 5.01 17.36
C CYS B 39 5.60 5.64 17.05
N ILE B 40 5.26 5.77 15.75
CA ILE B 40 4.00 6.36 15.34
C ILE B 40 3.30 5.39 14.39
N LEU B 41 2.02 5.16 14.61
CA LEU B 41 1.17 4.52 13.63
C LEU B 41 0.51 5.59 12.77
N LYS B 42 0.70 5.49 11.45
CA LYS B 42 0.03 6.33 10.46
C LYS B 42 -0.99 5.47 9.73
N VAL B 43 -2.17 6.03 9.54
CA VAL B 43 -3.24 5.38 8.83
C VAL B 43 -3.46 6.12 7.52
N LEU B 44 -3.36 5.37 6.41
CA LEU B 44 -3.47 5.96 5.10
C LEU B 44 -4.76 5.38 4.49
N PRO B 45 -5.38 6.06 3.51
CA PRO B 45 -5.00 7.36 2.99
C PRO B 45 -5.50 8.49 3.91
N ALA B 46 -5.03 9.70 3.68
CA ALA B 46 -5.39 10.87 4.50
C ALA B 46 -6.91 11.13 4.50
N SER B 47 -7.59 10.77 3.41
CA SER B 47 -9.00 11.01 3.25
C SER B 47 -9.76 10.28 4.37
N PHE B 48 -9.19 9.18 4.88
CA PHE B 48 -9.86 8.39 5.92
C PHE B 48 -9.97 9.20 7.24
N GLY B 49 -9.12 10.21 7.41
CA GLY B 49 -9.23 11.19 8.49
C GLY B 49 -8.81 10.70 9.88
N MET B 50 -7.95 9.67 9.93
CA MET B 50 -7.50 9.10 11.21
C MET B 50 -6.15 9.71 11.49
N PRO B 51 -5.98 10.46 12.62
CA PRO B 51 -4.71 11.08 12.97
C PRO B 51 -3.65 10.00 13.28
N ASP B 52 -2.38 10.39 13.19
CA ASP B 52 -1.28 9.56 13.65
C ASP B 52 -1.46 9.31 15.15
N ARG B 53 -1.00 8.13 15.58
CA ARG B 53 -1.11 7.76 16.98
C ARG B 53 0.21 7.24 17.54
N THR B 54 0.40 7.55 18.85
CA THR B 54 1.53 7.08 19.60
C THR B 54 1.22 5.68 20.10
N ASN B 55 2.24 5.01 20.67
CA ASN B 55 2.05 3.69 21.26
C ASN B 55 0.88 3.69 22.24
N GLU B 56 0.87 4.66 23.16
CA GLU B 56 -0.18 4.84 24.16
C GLU B 56 -1.55 4.96 23.47
N GLU B 57 -1.65 5.75 22.41
CA GLU B 57 -2.92 5.96 21.72
C GLU B 57 -3.39 4.68 21.07
N CYS B 58 -2.47 3.94 20.47
CA CYS B 58 -2.81 2.67 19.83
C CYS B 58 -3.34 1.67 20.85
N MET B 59 -2.63 1.58 21.98
CA MET B 59 -2.98 0.61 23.00
C MET B 59 -4.40 0.84 23.52
N ALA B 60 -4.69 2.09 23.87
CA ALA B 60 -6.02 2.45 24.32
C ALA B 60 -7.08 2.18 23.26
N ALA B 61 -6.76 2.42 21.99
CA ALA B 61 -7.75 2.28 20.93
C ALA B 61 -8.10 0.79 20.75
N HIS B 62 -7.08 -0.06 20.85
CA HIS B 62 -7.28 -1.49 20.61
C HIS B 62 -8.06 -2.10 21.75
N ILE B 63 -7.82 -1.59 22.98
CA ILE B 63 -8.51 -2.10 24.14
C ILE B 63 -9.99 -1.82 23.91
N ALA B 64 -10.26 -0.58 23.46
CA ALA B 64 -11.61 -0.12 23.32
C ALA B 64 -12.29 -0.85 22.19
N THR B 65 -11.55 -1.05 21.08
CA THR B 65 -12.21 -1.59 19.90
C THR B 65 -12.58 -3.06 20.19
N ARG B 66 -11.68 -3.78 20.86
CA ARG B 66 -11.93 -5.15 21.26
C ARG B 66 -13.09 -5.28 22.24
N ALA B 67 -13.17 -4.40 23.23
CA ALA B 67 -14.28 -4.43 24.16
C ALA B 67 -15.61 -4.17 23.43
N ASP B 68 -15.63 -3.06 22.66
CA ASP B 68 -16.86 -2.52 22.12
C ASP B 68 -17.49 -3.46 21.08
N MET B 69 -16.65 -4.20 20.35
CA MET B 69 -17.11 -5.07 19.30
C MET B 69 -16.91 -6.53 19.70
N THR B 70 -16.50 -6.74 20.97
CA THR B 70 -16.17 -8.06 21.51
C THR B 70 -15.36 -8.89 20.50
N MET B 71 -14.18 -8.39 20.18
CA MET B 71 -13.29 -8.97 19.18
C MET B 71 -12.21 -9.79 19.88
N LYS B 72 -11.90 -10.93 19.25
CA LYS B 72 -10.88 -11.87 19.73
C LYS B 72 -10.49 -12.82 18.59
N ASN B 73 -9.53 -13.70 18.88
CA ASN B 73 -9.01 -14.68 17.93
C ASN B 73 -8.53 -13.95 16.67
N PHE B 74 -7.70 -12.92 16.88
CA PHE B 74 -7.11 -12.24 15.73
C PHE B 74 -6.08 -13.13 15.02
N LYS B 75 -6.11 -13.08 13.67
CA LYS B 75 -5.05 -13.69 12.87
C LYS B 75 -4.68 -12.73 11.73
N ALA B 76 -3.37 -12.61 11.47
CA ALA B 76 -2.85 -11.89 10.31
C ALA B 76 -2.08 -12.84 9.41
N TRP B 77 -2.26 -12.70 8.08
CA TRP B 77 -1.45 -13.44 7.14
C TRP B 77 -1.21 -12.61 5.88
N ARG B 78 -0.13 -12.97 5.18
CA ARG B 78 0.17 -12.31 3.95
C ARG B 78 -0.86 -12.77 2.92
N VAL B 79 -1.30 -11.82 2.08
CA VAL B 79 -2.13 -12.20 0.92
C VAL B 79 -1.41 -13.30 0.16
N PRO B 80 -2.09 -14.44 -0.12
CA PRO B 80 -1.47 -15.53 -0.91
C PRO B 80 -0.83 -15.02 -2.18
N GLY B 81 0.43 -15.39 -2.39
CA GLY B 81 1.12 -14.95 -3.60
C GLY B 81 2.09 -13.84 -3.25
N SER B 82 1.73 -12.98 -2.28
CA SER B 82 2.51 -11.81 -1.98
C SER B 82 3.78 -12.24 -1.25
N ILE B 83 4.69 -11.28 -1.12
CA ILE B 83 5.93 -11.52 -0.40
C ILE B 83 6.27 -10.32 0.45
N PRO B 84 7.21 -10.46 1.41
CA PRO B 84 7.78 -9.28 2.05
C PRO B 84 8.76 -8.53 1.14
N ILE B 85 8.58 -7.22 1.02
CA ILE B 85 9.41 -6.32 0.25
C ILE B 85 10.32 -5.58 1.23
N VAL B 86 11.60 -5.83 1.11
CA VAL B 86 12.56 -5.34 2.07
C VAL B 86 13.56 -4.42 1.44
N ASP B 87 13.65 -3.21 2.00
CA ASP B 87 14.63 -2.23 1.58
C ASP B 87 15.63 -2.06 2.73
N GLU B 88 16.73 -2.82 2.65
CA GLU B 88 17.72 -2.82 3.73
C GLU B 88 18.21 -1.38 4.02
N ALA B 89 18.65 -0.63 3.00
CA ALA B 89 19.23 0.70 3.14
C ALA B 89 18.33 1.66 3.93
N ASN B 90 17.03 1.57 3.66
CA ASN B 90 16.04 2.45 4.28
C ASN B 90 15.36 1.87 5.53
N ARG B 91 15.76 0.65 5.94
CA ARG B 91 15.18 -0.05 7.08
C ARG B 91 13.65 -0.19 6.99
N LYS B 92 13.17 -0.56 5.79
CA LYS B 92 11.73 -0.64 5.59
C LYS B 92 11.38 -2.05 5.12
N VAL B 93 10.17 -2.46 5.53
CA VAL B 93 9.50 -3.67 5.07
C VAL B 93 8.07 -3.34 4.66
N VAL B 94 7.62 -3.88 3.50
CA VAL B 94 6.27 -3.72 3.01
C VAL B 94 5.65 -5.09 2.90
N PHE B 95 4.44 -5.18 3.48
CA PHE B 95 3.62 -6.36 3.47
C PHE B 95 2.27 -6.03 2.89
N HIS B 96 1.73 -7.01 2.16
CA HIS B 96 0.36 -7.01 1.68
C HIS B 96 -0.38 -8.05 2.51
N MET B 97 -1.27 -7.63 3.39
CA MET B 97 -1.80 -8.44 4.49
C MET B 97 -3.32 -8.53 4.51
N GLU B 98 -3.83 -9.63 5.06
CA GLU B 98 -5.20 -9.70 5.55
C GLU B 98 -5.17 -9.79 7.05
N ILE B 99 -6.17 -9.20 7.67
CA ILE B 99 -6.34 -9.30 9.13
C ILE B 99 -7.76 -9.81 9.40
N TYR B 100 -7.84 -10.85 10.24
CA TYR B 100 -9.10 -11.52 10.56
C TYR B 100 -9.29 -11.51 12.08
N ALA B 101 -10.51 -11.27 12.52
CA ALA B 101 -10.89 -11.45 13.91
C ALA B 101 -12.36 -11.87 13.98
N GLU B 102 -12.63 -12.69 14.99
CA GLU B 102 -14.00 -13.02 15.41
C GLU B 102 -14.54 -11.85 16.22
N MET B 103 -15.80 -11.52 15.98
CA MET B 103 -16.43 -10.57 16.88
C MET B 103 -17.92 -10.89 17.02
N GLY B 104 -18.60 -10.20 17.93
CA GLY B 104 -19.99 -10.47 18.20
C GLY B 104 -20.80 -10.47 16.90
N ASP B 105 -20.56 -9.42 16.10
CA ASP B 105 -21.35 -9.17 14.90
C ASP B 105 -20.97 -10.05 13.72
N GLY B 106 -19.98 -10.92 13.89
CA GLY B 106 -19.59 -11.88 12.86
C GLY B 106 -18.07 -12.00 12.77
N VAL B 107 -17.53 -11.52 11.66
CA VAL B 107 -16.11 -11.60 11.38
C VAL B 107 -15.62 -10.28 10.80
N TYR B 108 -14.49 -9.80 11.31
CA TYR B 108 -13.74 -8.72 10.70
C TYR B 108 -12.70 -9.39 9.81
N HIS B 109 -12.64 -8.97 8.54
CA HIS B 109 -11.69 -9.55 7.59
C HIS B 109 -11.41 -8.56 6.46
N ASN B 110 -10.31 -7.84 6.57
CA ASN B 110 -9.95 -6.77 5.64
C ASN B 110 -8.51 -6.95 5.13
N GLU B 111 -8.22 -6.21 4.04
CA GLU B 111 -7.00 -6.24 3.26
C GLU B 111 -6.26 -4.91 3.39
N PHE B 112 -4.92 -4.99 3.50
CA PHE B 112 -4.08 -3.86 3.78
C PHE B 112 -2.75 -3.89 3.06
N ILE B 113 -2.13 -2.71 3.01
CA ILE B 113 -0.68 -2.61 2.87
C ILE B 113 -0.13 -2.06 4.17
N PHE B 114 0.92 -2.70 4.66
CA PHE B 114 1.70 -2.19 5.79
C PHE B 114 3.10 -1.83 5.33
N ILE B 115 3.56 -0.67 5.79
CA ILE B 115 4.92 -0.19 5.58
C ILE B 115 5.50 0.01 6.96
N MET B 116 6.49 -0.84 7.25
CA MET B 116 7.15 -0.85 8.53
C MET B 116 8.54 -0.24 8.40
N THR B 117 8.88 0.64 9.33
CA THR B 117 10.22 1.22 9.38
C THR B 117 10.83 0.95 10.75
N THR B 118 12.07 0.45 10.77
CA THR B 118 12.75 0.15 12.00
C THR B 118 13.73 1.25 12.36
N ASN B 119 14.22 1.19 13.61
CA ASN B 119 15.45 1.85 14.01
C ASN B 119 16.65 1.43 13.14
N ASP B 120 17.77 2.13 13.33
CA ASP B 120 18.92 1.85 12.49
C ASP B 120 19.44 0.41 12.70
N GLU B 121 19.31 -0.13 13.94
CA GLU B 121 19.74 -1.47 14.33
C GLU B 121 18.85 -2.57 13.75
N GLY B 122 17.61 -2.24 13.32
CA GLY B 122 16.60 -3.18 12.83
C GLY B 122 15.94 -4.05 13.91
N THR B 123 15.97 -3.61 15.16
CA THR B 123 15.46 -4.38 16.27
C THR B 123 14.10 -3.86 16.79
N LEU B 124 13.69 -2.62 16.45
CA LEU B 124 12.42 -2.07 16.94
C LEU B 124 11.77 -1.28 15.82
N LEU B 125 10.45 -1.23 15.84
CA LEU B 125 9.66 -0.43 14.90
C LEU B 125 9.62 1.01 15.41
N LYS B 126 9.92 1.94 14.52
CA LYS B 126 9.78 3.37 14.76
C LYS B 126 8.61 3.98 13.99
N GLU B 127 8.14 3.30 12.91
CA GLU B 127 6.96 3.80 12.23
C GLU B 127 6.25 2.58 11.66
N VAL B 128 4.92 2.61 11.74
CA VAL B 128 4.05 1.69 11.04
C VAL B 128 3.06 2.55 10.26
N ALA B 129 2.97 2.34 8.93
CA ALA B 129 1.99 3.01 8.12
C ALA B 129 1.11 1.94 7.49
N GLU B 130 -0.21 2.10 7.62
CA GLU B 130 -1.10 1.07 7.10
C GLU B 130 -2.11 1.76 6.18
N TYR B 131 -2.20 1.26 4.94
CA TYR B 131 -3.19 1.72 3.97
C TYR B 131 -4.34 0.73 4.07
N VAL B 132 -5.52 1.27 4.41
CA VAL B 132 -6.71 0.52 4.72
C VAL B 132 -7.70 0.58 3.55
N ASP B 133 -8.66 -0.32 3.61
CA ASP B 133 -9.81 -0.37 2.72
C ASP B 133 -10.84 0.64 3.24
N THR B 134 -10.90 1.81 2.61
CA THR B 134 -11.64 2.95 3.22
C THR B 134 -13.14 2.64 3.24
N ALA B 135 -13.69 2.02 2.17
CA ALA B 135 -15.11 1.66 2.24
C ALA B 135 -15.38 0.70 3.39
N ALA B 136 -14.55 -0.36 3.50
CA ALA B 136 -14.78 -1.36 4.53
C ALA B 136 -14.65 -0.75 5.92
N GLU B 137 -13.67 0.13 6.13
CA GLU B 137 -13.35 0.60 7.48
C GLU B 137 -14.36 1.64 7.93
N LYS B 138 -14.91 2.39 6.94
CA LYS B 138 -16.01 3.30 7.17
C LYS B 138 -17.20 2.51 7.69
N LYS B 139 -17.52 1.37 7.06
CA LYS B 139 -18.64 0.54 7.49
C LYS B 139 -18.45 0.04 8.92
N PHE B 140 -17.30 -0.58 9.17
CA PHE B 140 -16.95 -1.07 10.49
C PHE B 140 -17.11 0.02 11.56
N ALA B 141 -16.61 1.25 11.31
CA ALA B 141 -16.80 2.36 12.22
C ALA B 141 -18.29 2.72 12.35
N ALA B 142 -19.04 2.66 11.25
CA ALA B 142 -20.46 2.97 11.31
C ALA B 142 -21.18 1.90 12.13
N GLU B 143 -20.74 0.64 12.04
CA GLU B 143 -21.38 -0.45 12.75
C GLU B 143 -21.04 -0.34 14.24
N ARG B 144 -19.83 0.18 14.53
CA ARG B 144 -19.36 0.25 15.88
C ARG B 144 -20.13 1.34 16.64
N MET B 145 -20.38 2.47 15.97
CA MET B 145 -21.33 3.47 16.48
C MET B 145 -22.56 2.70 16.96
N ALA B 146 -23.05 3.08 18.14
CA ALA B 146 -24.16 2.41 18.83
C ALA B 146 -24.57 1.09 18.16
N ARG B 147 -23.73 0.06 18.29
CA ARG B 147 -24.10 -1.33 18.08
C ARG B 147 -23.01 -2.26 18.64
C4 A1D8G C . -5.54 6.86 -15.77
C5 A1D8G C . -4.65 5.96 -15.17
C6 A1D8G C . -3.41 5.58 -15.81
C7 A1D8G C . -2.45 4.71 -15.06
C8 A1D8G C . -5.81 6.22 -13.07
C10 A1D8G C . -5.98 5.36 -11.81
C13 A1D8G C . -9.36 4.97 -11.91
C15 A1D8G C . -8.31 6.92 -13.08
C17 A1D8G C . -7.09 6.40 -13.90
C20 A1D8G C . -9.28 3.06 -9.75
C21 A1D8G C . -8.14 1.30 -11.07
C22 A1D8G C . -7.07 3.40 -10.72
C1 A1D8G C . -2.06 5.74 -17.99
C2 A1D8G C . -3.18 6.05 -17.05
O1 A1D8G C . -4.09 6.87 -17.67
C3 A1D8G C . -5.30 7.23 -17.13
O2 A1D8G C . -6.00 7.95 -17.83
O3 A1D8G C . -4.75 5.60 -13.85
C9 A1D8G C . -5.20 7.55 -12.62
O4 A1D8G C . -4.69 5.28 -11.20
C11 A1D8G C . -6.50 3.94 -12.02
O5 A1D8G C . -7.57 3.80 -12.95
C12 A1D8G C . -8.80 3.61 -12.27
O6 A1D8G C . -9.69 2.97 -13.16
C14 A1D8G C . -9.51 5.95 -13.07
C16 A1D8G C . -8.97 8.24 -13.50
C18 A1D8G C . -6.82 7.28 -15.10
C19 A1D8G C . -8.44 2.79 -11.01
O7 A1D8G C . -6.59 3.55 -9.63
S SO4 D . 11.80 -12.19 -15.48
O1 SO4 D . 12.64 -11.33 -16.29
O2 SO4 D . 10.50 -12.31 -16.09
O3 SO4 D . 12.42 -13.49 -15.41
O4 SO4 D . 11.60 -11.79 -14.09
S SO4 E . 20.27 -10.71 -7.43
O1 SO4 E . 19.12 -10.19 -6.75
O2 SO4 E . 20.97 -9.61 -8.06
O3 SO4 E . 21.14 -11.38 -6.48
O4 SO4 E . 19.83 -11.65 -8.46
CL CL F . -2.10 1.09 -16.18
C4 A1D8G G . -6.70 -4.19 16.26
C5 A1D8G G . -5.54 -3.82 15.59
C6 A1D8G G . -4.27 -4.02 16.17
C7 A1D8G G . -3.05 -3.67 15.37
C8 A1D8G G . -6.83 -3.43 13.58
C10 A1D8G G . -6.71 -2.45 12.38
C13 A1D8G G . -9.69 -0.57 12.87
C15 A1D8G G . -9.39 -2.97 13.75
C17 A1D8G G . -8.02 -3.04 14.47
C20 A1D8G G . -8.96 1.37 10.59
C21 A1D8G G . -6.82 2.01 11.64
C22 A1D8G G . -7.07 -0.26 11.29
C1 A1D8G G . -2.98 -4.74 18.27
C2 A1D8G G . -4.21 -4.48 17.45
O1 A1D8G G . -5.35 -4.76 18.15
C3 A1D8G G . -6.62 -4.56 17.63
O2 A1D8G G . -7.55 -4.86 18.33
O3 A1D8G G . -5.54 -3.43 14.28
C9 A1D8G G . -6.99 -4.87 13.12
O4 A1D8G G . -5.62 -2.97 11.56
C11 A1D8G G . -6.61 -0.92 12.58
O5 A1D8G G . -7.38 -0.29 13.62
C12 A1D8G G . -8.49 0.38 12.98
O6 A1D8G G . -8.85 1.58 13.60
C14 A1D8G G . -10.06 -1.60 13.94
C16 A1D8G G . -10.38 -4.07 14.17
C18 A1D8G G . -8.06 -3.96 15.67
C19 A1D8G G . -7.93 0.96 11.64
O7 A1D8G G . -6.75 -0.58 10.17
S SO4 H . 17.17 5.54 14.17
O1 SO4 H . 17.68 4.37 14.85
O2 SO4 H . 15.98 6.03 14.84
O3 SO4 H . 18.20 6.53 14.20
O4 SO4 H . 16.81 5.34 12.79
S SO4 I . 23.67 1.16 6.14
O1 SO4 I . 22.59 0.70 5.30
O2 SO4 I . 24.88 1.09 5.39
O3 SO4 I . 23.43 2.56 6.52
O4 SO4 I . 23.76 0.36 7.32
CL CL J . -1.03 -0.46 16.39
CL CL K . 6.75 2.99 8.01
CL CL L . 8.98 -5.37 16.47
#